data_5HK7
#
_entry.id   5HK7
#
_cell.length_a   153.510
_cell.length_b   160.520
_cell.length_c   166.370
_cell.angle_alpha   90.00
_cell.angle_beta   90.00
_cell.angle_gamma   90.00
#
_symmetry.space_group_name_H-M   'I 2 2 2'
#
loop_
_entity.id
_entity.type
_entity.pdbx_description
1 polymer 'Ion transport protein'
2 non-polymer 'CHLORIDE ION'
3 non-polymer '2-{[(S)-(2-aminoethoxy)(hydroxy)phosphoryl]oxy}ethyl heptadecanoate'
4 non-polymer 'SODIUM ION'
5 water water
#
_entity_poly.entity_id   1
_entity_poly.type   'polypeptide(L)'
_entity_poly.pdbx_seq_one_letter_code
;GPSSPSLLRAIPGIAWIALLLLVIFYVFAVMGTKLFAQSFPEWFGTLGASMYTLFQVMTLESWSMGIARPVIEAYPWAWI
YFVSFILVSSFTVLNLFIGIIIESMQSAHWEAEDAKRIEQEQRAHDERLEMLQLIRDLSSKVDRLERRSGKR
;
_entity_poly.pdbx_strand_id   A,B,C,D
#
# COMPACT_ATOMS: atom_id res chain seq x y z
N PRO A 12 8.54 -9.23 17.69
CA PRO A 12 8.67 -7.78 17.81
C PRO A 12 8.41 -7.23 16.42
N GLY A 13 7.81 -8.10 15.61
CA GLY A 13 6.92 -7.69 14.53
C GLY A 13 7.32 -8.21 13.15
N ILE A 14 7.36 -7.30 12.17
CA ILE A 14 7.92 -7.57 10.84
C ILE A 14 9.39 -7.89 10.90
N ALA A 15 10.06 -7.43 11.94
CA ALA A 15 11.45 -7.76 12.05
C ALA A 15 11.42 -9.28 12.18
N TRP A 16 10.35 -9.79 12.78
CA TRP A 16 10.11 -11.22 12.74
C TRP A 16 10.28 -11.69 11.29
N ILE A 17 9.54 -11.08 10.37
CA ILE A 17 9.55 -11.45 8.94
C ILE A 17 10.88 -11.19 8.22
N ALA A 18 11.60 -10.13 8.60
CA ALA A 18 12.91 -9.82 8.04
C ALA A 18 13.87 -10.95 8.39
N LEU A 19 13.67 -11.56 9.54
CA LEU A 19 14.53 -12.64 9.91
C LEU A 19 14.21 -13.86 9.07
N LEU A 20 12.96 -14.00 8.63
CA LEU A 20 12.59 -15.12 7.76
C LEU A 20 13.30 -15.00 6.43
N LEU A 21 13.45 -13.76 5.97
CA LEU A 21 14.11 -13.48 4.71
C LEU A 21 15.59 -13.82 4.79
N LEU A 22 16.30 -13.27 5.77
CA LEU A 22 17.73 -13.52 5.94
C LEU A 22 18.00 -15.00 6.09
N VAL A 23 17.03 -15.78 6.53
CA VAL A 23 17.23 -17.21 6.67
C VAL A 23 17.14 -17.87 5.32
N ILE A 24 16.23 -17.39 4.47
CA ILE A 24 16.06 -17.88 3.10
C ILE A 24 17.29 -17.61 2.23
N PHE A 25 17.90 -16.44 2.40
CA PHE A 25 19.17 -16.18 1.73
C PHE A 25 20.16 -17.19 2.13
N TYR A 26 20.32 -17.33 3.44
CA TYR A 26 21.39 -18.09 3.99
C TYR A 26 21.32 -19.52 3.40
N VAL A 27 20.10 -20.03 3.32
CA VAL A 27 19.87 -21.39 2.95
C VAL A 27 20.18 -21.58 1.47
N PHE A 28 19.77 -20.62 0.66
CA PHE A 28 19.96 -20.73 -0.77
C PHE A 28 21.42 -20.38 -1.14
N ALA A 29 22.03 -19.46 -0.41
CA ALA A 29 23.45 -19.16 -0.62
C ALA A 29 24.30 -20.36 -0.32
N VAL A 30 23.96 -21.09 0.72
CA VAL A 30 24.68 -22.32 0.99
C VAL A 30 24.29 -23.45 0.05
N MET A 31 23.00 -23.56 -0.26
CA MET A 31 22.52 -24.61 -1.18
C MET A 31 23.18 -24.31 -2.53
N GLY A 32 23.43 -23.03 -2.74
CA GLY A 32 23.98 -22.58 -3.98
C GLY A 32 25.48 -22.74 -4.08
N THR A 33 26.20 -22.48 -3.00
CA THR A 33 27.62 -22.65 -3.10
C THR A 33 27.97 -24.13 -3.20
N LYS A 34 27.30 -24.97 -2.41
CA LYS A 34 27.49 -26.44 -2.49
C LYS A 34 27.23 -26.84 -3.90
N LEU A 35 26.07 -26.46 -4.41
CA LEU A 35 25.63 -26.87 -5.73
C LEU A 35 26.44 -26.35 -6.96
N PHE A 36 26.88 -25.09 -6.94
CA PHE A 36 27.35 -24.45 -8.19
C PHE A 36 28.76 -23.92 -8.20
N ALA A 37 29.52 -24.05 -7.13
CA ALA A 37 30.79 -23.33 -7.15
C ALA A 37 31.87 -23.96 -8.01
N GLN A 38 31.70 -25.21 -8.40
CA GLN A 38 32.71 -25.80 -9.24
C GLN A 38 32.57 -25.14 -10.58
N SER A 39 31.39 -25.27 -11.20
CA SER A 39 31.17 -24.69 -12.52
C SER A 39 30.93 -23.19 -12.63
N PHE A 40 30.41 -22.53 -11.62
CA PHE A 40 30.20 -21.10 -11.75
C PHE A 40 30.83 -20.40 -10.59
N PRO A 41 32.15 -20.46 -10.50
CA PRO A 41 32.87 -19.91 -9.36
C PRO A 41 32.73 -18.42 -9.19
N GLU A 42 32.42 -17.69 -10.25
CA GLU A 42 32.50 -16.24 -10.14
C GLU A 42 31.32 -15.83 -9.31
N TRP A 43 30.20 -16.42 -9.70
CA TRP A 43 28.89 -16.16 -9.17
C TRP A 43 28.62 -16.80 -7.84
N PHE A 44 28.95 -18.09 -7.72
CA PHE A 44 28.65 -18.92 -6.54
C PHE A 44 29.88 -19.57 -5.95
N GLY A 45 31.02 -18.92 -6.01
CA GLY A 45 32.30 -19.59 -5.72
C GLY A 45 32.48 -19.84 -4.25
N THR A 46 31.93 -18.93 -3.47
CA THR A 46 32.16 -18.81 -2.07
C THR A 46 30.81 -18.31 -1.52
N LEU A 47 30.59 -18.39 -0.21
CA LEU A 47 29.30 -17.98 0.31
C LEU A 47 29.08 -16.52 0.06
N GLY A 48 30.13 -15.73 0.26
CA GLY A 48 30.04 -14.29 0.05
C GLY A 48 29.59 -14.03 -1.36
N ALA A 49 30.25 -14.73 -2.29
CA ALA A 49 29.95 -14.61 -3.69
C ALA A 49 28.51 -14.97 -3.93
N SER A 50 28.12 -16.07 -3.32
CA SER A 50 26.85 -16.64 -3.62
C SER A 50 25.68 -15.78 -3.14
N MET A 51 25.93 -14.92 -2.16
CA MET A 51 24.89 -14.12 -1.60
C MET A 51 24.68 -12.91 -2.44
N TYR A 52 25.82 -12.31 -2.82
CA TYR A 52 25.79 -11.18 -3.70
C TYR A 52 24.94 -11.56 -4.90
N THR A 53 25.22 -12.73 -5.46
CA THR A 53 24.56 -13.20 -6.62
C THR A 53 23.09 -13.34 -6.35
N LEU A 54 22.74 -13.73 -5.14
CA LEU A 54 21.35 -13.94 -4.84
C LEU A 54 20.64 -12.64 -4.57
N PHE A 55 21.36 -11.67 -4.00
CA PHE A 55 20.80 -10.33 -3.82
C PHE A 55 20.54 -9.72 -5.19
N GLN A 56 21.41 -10.04 -6.12
CA GLN A 56 21.29 -9.60 -7.47
C GLN A 56 20.13 -10.24 -8.16
N VAL A 57 19.89 -11.51 -7.90
CA VAL A 57 18.70 -12.21 -8.43
C VAL A 57 17.42 -11.65 -7.82
N MET A 58 17.49 -11.23 -6.56
CA MET A 58 16.33 -10.79 -5.87
C MET A 58 15.85 -9.46 -6.39
N THR A 59 16.79 -8.64 -6.85
CA THR A 59 16.44 -7.37 -7.44
C THR A 59 16.04 -7.63 -8.86
N LEU A 60 16.04 -8.90 -9.22
CA LEU A 60 15.66 -9.30 -10.58
C LEU A 60 16.59 -8.83 -11.69
N GLU A 61 17.87 -8.61 -11.35
CA GLU A 61 18.77 -7.97 -12.25
C GLU A 61 19.50 -8.99 -13.08
N SER A 62 19.03 -9.21 -14.29
CA SER A 62 19.65 -10.21 -15.19
C SER A 62 19.57 -11.56 -14.59
N TRP A 63 18.54 -11.80 -13.81
CA TRP A 63 18.57 -13.04 -13.07
C TRP A 63 18.62 -14.18 -14.07
N SER A 64 17.99 -13.98 -15.24
CA SER A 64 17.83 -15.05 -16.22
C SER A 64 18.83 -15.10 -17.36
N MET A 65 18.89 -14.03 -18.15
CA MET A 65 19.77 -13.99 -19.28
C MET A 65 21.16 -14.07 -18.72
N GLY A 66 21.38 -13.42 -17.58
CA GLY A 66 22.71 -13.23 -17.07
C GLY A 66 23.27 -14.36 -16.21
N ILE A 67 22.49 -14.81 -15.23
CA ILE A 67 22.93 -15.83 -14.29
C ILE A 67 22.22 -17.16 -14.52
N ALA A 68 20.90 -17.15 -14.64
CA ALA A 68 20.18 -18.40 -14.51
C ALA A 68 20.41 -19.30 -15.69
N ARG A 69 20.18 -18.74 -16.86
CA ARG A 69 20.12 -19.49 -18.09
C ARG A 69 21.46 -20.17 -18.41
N PRO A 70 22.58 -19.48 -18.15
CA PRO A 70 23.93 -20.01 -18.12
C PRO A 70 24.17 -21.21 -17.24
N VAL A 71 23.65 -21.20 -16.03
CA VAL A 71 23.72 -22.32 -15.12
C VAL A 71 22.84 -23.47 -15.55
N ILE A 72 21.60 -23.18 -15.94
CA ILE A 72 20.70 -24.20 -16.42
C ILE A 72 21.19 -24.80 -17.72
N GLU A 73 22.21 -24.18 -18.29
CA GLU A 73 22.88 -24.79 -19.41
C GLU A 73 23.54 -26.02 -18.85
N ALA A 74 24.10 -25.88 -17.65
CA ALA A 74 25.06 -26.82 -17.13
C ALA A 74 24.39 -27.83 -16.17
N TYR A 75 23.45 -27.32 -15.40
CA TYR A 75 22.69 -28.17 -14.55
C TYR A 75 21.25 -27.92 -14.91
N PRO A 76 20.72 -28.76 -15.78
CA PRO A 76 19.44 -28.60 -16.46
C PRO A 76 18.22 -28.40 -15.58
N TRP A 77 18.36 -28.62 -14.28
CA TRP A 77 17.22 -28.68 -13.35
C TRP A 77 17.30 -27.48 -12.46
N ALA A 78 18.10 -26.51 -12.81
CA ALA A 78 18.44 -25.52 -11.82
C ALA A 78 17.48 -24.39 -12.02
N TRP A 79 16.43 -24.64 -12.80
CA TRP A 79 15.45 -23.59 -12.99
C TRP A 79 14.60 -23.54 -11.74
N ILE A 80 14.66 -24.65 -11.01
CA ILE A 80 14.03 -24.80 -9.73
C ILE A 80 14.72 -23.97 -8.69
N TYR A 81 16.04 -23.83 -8.78
CA TYR A 81 16.72 -23.07 -7.74
C TYR A 81 16.34 -21.62 -7.91
N PHE A 82 16.37 -21.17 -9.16
CA PHE A 82 16.09 -19.80 -9.46
C PHE A 82 14.63 -19.47 -9.38
N VAL A 83 13.74 -20.24 -10.01
CA VAL A 83 12.32 -19.87 -9.97
C VAL A 83 11.83 -19.88 -8.51
N SER A 84 12.21 -20.93 -7.81
CA SER A 84 11.70 -21.07 -6.47
C SER A 84 12.23 -19.96 -5.56
N PHE A 85 13.47 -19.50 -5.77
CA PHE A 85 14.03 -18.43 -4.96
C PHE A 85 13.38 -17.10 -5.23
N ILE A 86 13.00 -16.86 -6.45
CA ILE A 86 12.35 -15.62 -6.77
C ILE A 86 10.94 -15.62 -6.16
N LEU A 87 10.27 -16.78 -6.11
CA LEU A 87 8.96 -16.79 -5.48
C LEU A 87 9.12 -16.58 -3.97
N VAL A 88 9.69 -17.57 -3.32
CA VAL A 88 9.88 -17.53 -1.90
C VAL A 88 10.52 -16.21 -1.51
N SER A 89 11.61 -15.87 -2.16
CA SER A 89 12.30 -14.64 -1.88
C SER A 89 11.41 -13.45 -2.09
N SER A 90 10.55 -13.47 -3.10
CA SER A 90 9.89 -12.22 -3.46
C SER A 90 8.64 -12.13 -2.66
N PHE A 91 7.93 -13.26 -2.56
CA PHE A 91 6.75 -13.33 -1.72
C PHE A 91 7.03 -12.87 -0.27
N THR A 92 8.20 -13.21 0.25
CA THR A 92 8.63 -12.78 1.58
C THR A 92 9.00 -11.32 1.69
N VAL A 93 9.16 -10.65 0.57
CA VAL A 93 9.60 -9.27 0.63
C VAL A 93 8.37 -8.47 0.45
N LEU A 94 7.32 -9.13 0.01
CA LEU A 94 6.04 -8.49 -0.17
C LEU A 94 5.47 -8.25 1.20
N ASN A 95 5.52 -9.30 2.03
CA ASN A 95 5.05 -9.22 3.40
C ASN A 95 5.81 -8.21 4.23
N LEU A 96 7.09 -8.02 3.94
CA LEU A 96 7.79 -6.89 4.50
C LEU A 96 7.24 -5.56 4.00
N PHE A 97 6.74 -5.52 2.79
CA PHE A 97 6.35 -4.23 2.23
CA PHE A 97 6.34 -4.24 2.19
C PHE A 97 4.97 -3.90 2.72
N ILE A 98 4.13 -4.91 2.88
CA ILE A 98 2.82 -4.75 3.47
C ILE A 98 3.05 -4.28 4.90
N GLY A 99 3.84 -5.06 5.64
CA GLY A 99 4.04 -4.88 7.06
C GLY A 99 4.46 -3.47 7.36
N ILE A 100 5.29 -2.90 6.50
CA ILE A 100 5.67 -1.52 6.64
C ILE A 100 4.47 -0.67 6.30
N ILE A 101 3.75 -1.02 5.23
CA ILE A 101 2.62 -0.22 4.79
C ILE A 101 1.62 -0.10 5.94
N ILE A 102 1.35 -1.22 6.62
CA ILE A 102 0.46 -1.27 7.76
C ILE A 102 0.94 -0.40 8.90
N GLU A 103 2.16 -0.68 9.42
CA GLU A 103 2.64 -0.01 10.65
C GLU A 103 2.79 1.48 10.37
N SER A 104 2.76 1.81 9.08
CA SER A 104 2.69 3.19 8.63
C SER A 104 1.34 3.72 9.01
N MET A 105 0.27 3.13 8.48
CA MET A 105 -1.07 3.60 8.88
C MET A 105 -1.28 3.53 10.39
N GLN A 106 -0.91 2.43 11.02
CA GLN A 106 -1.02 2.43 12.47
C GLN A 106 -0.61 3.81 12.98
N SER A 107 0.53 4.30 12.57
CA SER A 107 0.95 5.59 13.08
C SER A 107 0.50 6.82 12.34
N ALA A 108 -0.08 6.70 11.16
CA ALA A 108 -0.76 7.84 10.59
C ALA A 108 -1.91 8.18 11.51
N HIS A 109 -2.74 7.17 11.86
CA HIS A 109 -4.19 7.31 12.08
C HIS A 109 -4.70 6.39 13.13
N TRP A 110 -4.65 5.12 12.81
CA TRP A 110 -5.26 4.10 13.64
C TRP A 110 -4.89 4.23 15.11
N GLU A 111 -3.60 4.34 15.35
CA GLU A 111 -3.09 4.64 16.65
C GLU A 111 -3.95 5.70 17.31
N ALA A 112 -4.11 6.83 16.64
CA ALA A 112 -4.69 8.04 17.22
C ALA A 112 -6.20 8.01 17.22
N GLU A 113 -6.84 7.80 16.07
CA GLU A 113 -8.32 7.74 16.03
C GLU A 113 -8.76 6.60 16.94
N ASP A 114 -8.01 5.53 16.96
CA ASP A 114 -8.44 4.45 17.78
C ASP A 114 -8.55 4.98 19.21
N ALA A 115 -7.58 5.75 19.68
CA ALA A 115 -7.64 6.12 21.08
C ALA A 115 -8.44 7.39 21.30
N LYS A 116 -8.50 8.26 20.30
CA LYS A 116 -9.44 9.43 20.36
C LYS A 116 -10.84 8.97 20.74
N ARG A 117 -11.22 7.80 20.27
CA ARG A 117 -12.56 7.31 20.47
C ARG A 117 -12.70 6.60 21.80
N ILE A 118 -11.67 5.86 22.19
CA ILE A 118 -11.73 5.28 23.52
C ILE A 118 -12.02 6.46 24.42
N GLU A 119 -11.27 7.55 24.24
CA GLU A 119 -11.38 8.64 25.18
C GLU A 119 -12.82 9.11 25.18
N GLN A 120 -13.43 9.13 24.00
CA GLN A 120 -14.62 9.92 23.76
C GLN A 120 -15.81 9.20 24.31
N GLU A 121 -15.73 7.89 24.33
CA GLU A 121 -16.78 7.15 24.91
C GLU A 121 -16.59 7.02 26.42
N GLN A 122 -15.38 7.26 26.93
CA GLN A 122 -15.26 7.60 28.35
C GLN A 122 -16.01 8.87 28.55
N ARG A 123 -15.71 9.87 27.75
CA ARG A 123 -16.49 11.04 27.90
C ARG A 123 -17.95 10.77 28.01
N ALA A 124 -18.58 10.01 27.10
CA ALA A 124 -20.02 9.75 27.15
C ALA A 124 -20.46 8.68 28.10
N HIS A 125 -19.66 7.65 28.32
CA HIS A 125 -20.03 6.68 29.33
C HIS A 125 -20.13 7.39 30.66
N ASP A 126 -19.10 8.17 30.99
CA ASP A 126 -19.09 8.93 32.22
C ASP A 126 -20.32 9.81 32.38
N GLU A 127 -20.69 10.56 31.34
CA GLU A 127 -21.92 11.37 31.33
C GLU A 127 -23.09 10.49 31.66
N ARG A 128 -23.25 9.40 30.91
CA ARG A 128 -24.43 8.60 31.07
C ARG A 128 -24.41 8.19 32.52
N LEU A 129 -23.25 7.78 32.99
CA LEU A 129 -23.17 7.29 34.34
C LEU A 129 -23.79 8.34 35.25
N GLU A 130 -23.42 9.59 35.06
CA GLU A 130 -23.95 10.69 35.83
C GLU A 130 -25.45 10.77 35.82
N MET A 131 -26.05 10.98 34.66
CA MET A 131 -27.50 10.91 34.51
C MET A 131 -28.01 9.72 35.31
N LEU A 132 -27.27 8.64 35.27
CA LEU A 132 -27.79 7.45 35.86
C LEU A 132 -28.00 7.74 37.34
N GLN A 133 -26.91 8.19 37.98
CA GLN A 133 -26.94 8.61 39.37
C GLN A 133 -28.15 9.44 39.66
N LEU A 134 -28.30 10.53 38.92
CA LEU A 134 -29.38 11.44 39.29
C LEU A 134 -30.73 10.76 39.24
N ILE A 135 -30.95 9.88 38.27
CA ILE A 135 -32.27 9.30 38.12
C ILE A 135 -32.50 8.39 39.29
N ARG A 136 -31.49 7.66 39.70
CA ARG A 136 -31.68 6.87 40.88
C ARG A 136 -32.10 7.78 42.00
N ASP A 137 -31.35 8.85 42.14
CA ASP A 137 -31.43 9.75 43.26
C ASP A 137 -32.82 10.27 43.39
N LEU A 138 -33.33 10.75 42.26
CA LEU A 138 -34.70 11.16 42.09
C LEU A 138 -35.65 10.09 42.55
N SER A 139 -35.47 8.86 42.09
CA SER A 139 -36.29 7.74 42.57
C SER A 139 -36.32 7.66 44.04
N SER A 140 -35.18 7.73 44.72
CA SER A 140 -35.23 7.65 46.18
C SER A 140 -36.08 8.79 46.70
N LYS A 141 -35.86 10.00 46.22
CA LYS A 141 -36.61 11.12 46.70
C LYS A 141 -38.12 10.87 46.50
N VAL A 142 -38.50 10.31 45.36
CA VAL A 142 -39.87 9.89 45.16
C VAL A 142 -40.24 8.81 46.11
N ASP A 143 -39.35 7.86 46.35
CA ASP A 143 -39.61 6.77 47.32
C ASP A 143 -40.12 7.28 48.67
N ARG A 144 -39.43 8.25 49.22
CA ARG A 144 -39.71 8.75 50.54
C ARG A 144 -40.87 9.68 50.51
N LEU A 145 -40.87 10.60 49.57
CA LEU A 145 -42.06 11.36 49.38
C LEU A 145 -43.19 10.36 49.45
N GLU A 146 -43.01 9.21 48.79
CA GLU A 146 -44.10 8.27 48.68
C GLU A 146 -44.48 7.75 50.06
N ARG A 147 -43.52 7.23 50.80
CA ARG A 147 -43.81 6.67 52.11
C ARG A 147 -44.36 7.68 53.06
N ARG A 148 -43.70 8.82 53.18
CA ARG A 148 -44.08 9.76 54.20
C ARG A 148 -45.54 10.08 53.99
N SER A 149 -46.01 10.19 52.76
CA SER A 149 -47.44 10.45 52.57
C SER A 149 -48.54 9.32 52.51
N GLY A 150 -48.30 8.07 52.93
CA GLY A 150 -49.25 6.94 52.65
C GLY A 150 -50.41 6.76 53.61
N PRO B 12 7.44 19.81 5.93
CA PRO B 12 6.06 19.90 5.45
C PRO B 12 5.50 18.55 4.90
N GLY B 13 5.86 17.43 5.54
CA GLY B 13 5.26 16.12 5.22
C GLY B 13 6.11 15.14 4.38
N ILE B 14 5.64 14.81 3.17
CA ILE B 14 6.33 13.82 2.31
C ILE B 14 7.68 14.33 1.92
N ALA B 15 7.65 15.54 1.35
CA ALA B 15 8.82 16.17 0.80
C ALA B 15 9.89 16.41 1.89
N TRP B 16 9.56 16.08 3.14
CA TRP B 16 10.62 15.82 4.11
C TRP B 16 11.49 14.63 3.69
N ILE B 17 10.87 13.54 3.24
CA ILE B 17 11.67 12.41 2.68
C ILE B 17 12.35 12.70 1.35
N ALA B 18 11.64 13.31 0.39
CA ALA B 18 12.23 13.71 -0.89
C ALA B 18 13.58 14.39 -0.65
N LEU B 19 13.56 15.34 0.26
CA LEU B 19 14.76 16.05 0.57
C LEU B 19 15.83 15.06 1.05
N LEU B 20 15.40 14.00 1.74
CA LEU B 20 16.32 12.97 2.21
C LEU B 20 16.91 12.19 1.03
N LEU B 21 16.04 11.82 0.10
CA LEU B 21 16.43 11.11 -1.11
C LEU B 21 17.50 11.90 -1.88
N LEU B 22 17.23 13.18 -2.17
CA LEU B 22 18.20 14.05 -2.86
C LEU B 22 19.54 14.05 -2.14
N VAL B 23 19.50 13.98 -0.82
CA VAL B 23 20.70 14.08 -0.01
C VAL B 23 21.53 12.80 0.03
N ILE B 24 20.86 11.65 0.04
CA ILE B 24 21.52 10.35 -0.04
C ILE B 24 22.17 10.21 -1.41
N PHE B 25 21.46 10.76 -2.39
CA PHE B 25 21.94 10.77 -3.75
C PHE B 25 23.21 11.56 -3.86
N TYR B 26 23.22 12.69 -3.18
CA TYR B 26 24.29 13.61 -3.33
C TYR B 26 25.51 13.08 -2.59
N VAL B 27 25.26 12.45 -1.46
CA VAL B 27 26.32 11.87 -0.67
C VAL B 27 26.98 10.73 -1.42
N PHE B 28 26.18 9.84 -1.99
CA PHE B 28 26.76 8.72 -2.65
C PHE B 28 27.34 9.11 -4.01
N ALA B 29 26.75 10.11 -4.65
CA ALA B 29 27.25 10.57 -5.96
C ALA B 29 28.65 11.16 -5.81
N VAL B 30 28.88 11.85 -4.71
CA VAL B 30 30.19 12.37 -4.36
C VAL B 30 31.17 11.30 -3.93
N MET B 31 30.69 10.40 -3.07
CA MET B 31 31.44 9.29 -2.56
C MET B 31 31.92 8.48 -3.78
N GLY B 32 31.07 8.40 -4.79
CA GLY B 32 31.30 7.53 -5.91
C GLY B 32 32.28 8.13 -6.88
N THR B 33 32.17 9.44 -7.09
CA THR B 33 33.15 10.17 -7.88
C THR B 33 34.54 10.21 -7.28
N LYS B 34 34.62 10.29 -5.96
CA LYS B 34 35.91 10.25 -5.30
C LYS B 34 36.42 8.85 -5.52
N LEU B 35 35.71 7.86 -5.01
CA LEU B 35 36.27 6.51 -5.04
C LEU B 35 36.55 5.96 -6.46
N PHE B 36 35.73 6.34 -7.44
CA PHE B 36 35.61 5.52 -8.63
C PHE B 36 35.96 6.21 -9.91
N ALA B 37 36.19 7.52 -9.85
CA ALA B 37 36.21 8.32 -11.12
C ALA B 37 37.41 8.05 -11.94
N GLN B 38 38.49 7.65 -11.28
CA GLN B 38 39.72 7.55 -11.99
C GLN B 38 39.61 6.29 -12.76
N SER B 39 39.33 5.21 -12.05
CA SER B 39 39.41 3.90 -12.65
C SER B 39 38.26 3.57 -13.56
N PHE B 40 37.12 4.25 -13.36
CA PHE B 40 35.92 4.14 -14.20
C PHE B 40 35.34 5.48 -14.60
N PRO B 41 35.95 6.16 -15.61
CA PRO B 41 35.53 7.52 -15.86
C PRO B 41 34.17 7.70 -16.49
N GLU B 42 33.67 6.76 -17.28
CA GLU B 42 32.40 6.94 -18.02
CA GLU B 42 32.40 7.00 -17.99
C GLU B 42 31.16 6.90 -17.09
N TRP B 43 31.25 6.03 -16.07
CA TRP B 43 30.26 5.93 -15.00
C TRP B 43 30.40 6.96 -13.86
N PHE B 44 31.63 7.19 -13.37
CA PHE B 44 31.79 8.07 -12.23
C PHE B 44 32.79 9.21 -12.46
N GLY B 45 33.10 9.55 -13.69
CA GLY B 45 34.13 10.58 -13.92
C GLY B 45 33.90 12.00 -13.45
N THR B 46 32.65 12.41 -13.32
CA THR B 46 32.37 13.75 -12.92
C THR B 46 31.23 13.54 -11.93
N LEU B 47 30.86 14.54 -11.15
CA LEU B 47 29.78 14.31 -10.21
C LEU B 47 28.45 14.15 -10.98
N GLY B 48 28.25 14.89 -12.06
CA GLY B 48 27.03 14.74 -12.85
C GLY B 48 26.89 13.37 -13.50
N ALA B 49 28.04 12.71 -13.67
CA ALA B 49 28.10 11.44 -14.35
C ALA B 49 27.52 10.41 -13.44
N SER B 50 27.76 10.63 -12.15
CA SER B 50 27.50 9.59 -11.16
C SER B 50 26.09 9.71 -10.73
N MET B 51 25.57 10.91 -10.81
CA MET B 51 24.15 11.14 -10.60
C MET B 51 23.31 10.39 -11.59
N TYR B 52 23.67 10.49 -12.85
CA TYR B 52 23.12 9.52 -13.78
C TYR B 52 23.31 8.04 -13.44
N THR B 53 24.51 7.60 -13.09
CA THR B 53 24.74 6.17 -12.90
C THR B 53 23.89 5.68 -11.75
N LEU B 54 23.80 6.51 -10.70
CA LEU B 54 23.10 6.08 -9.49
C LEU B 54 21.66 6.10 -9.76
N PHE B 55 21.21 6.99 -10.63
CA PHE B 55 19.86 6.91 -11.09
C PHE B 55 19.54 5.58 -11.75
N GLN B 56 20.33 5.19 -12.72
CA GLN B 56 20.06 3.89 -13.31
C GLN B 56 20.23 2.75 -12.31
N VAL B 57 21.08 2.95 -11.31
CA VAL B 57 21.34 1.87 -10.35
C VAL B 57 20.15 1.84 -9.45
N MET B 58 19.61 3.01 -9.19
CA MET B 58 18.57 3.11 -8.19
C MET B 58 17.32 2.44 -8.71
N THR B 59 17.18 2.42 -10.06
CA THR B 59 16.06 1.78 -10.78
C THR B 59 16.38 0.32 -11.14
N LEU B 60 17.48 -0.12 -10.54
CA LEU B 60 18.02 -1.48 -10.65
C LEU B 60 18.33 -1.97 -12.05
N GLU B 61 18.80 -1.09 -12.91
CA GLU B 61 18.89 -1.39 -14.30
C GLU B 61 20.31 -1.81 -14.56
N SER B 62 20.51 -3.13 -14.74
CA SER B 62 21.77 -3.67 -15.11
C SER B 62 22.82 -3.22 -14.06
N TRP B 63 22.36 -3.07 -12.82
CA TRP B 63 23.18 -2.43 -11.79
C TRP B 63 24.43 -3.26 -11.43
N SER B 64 24.37 -4.57 -11.65
CA SER B 64 25.35 -5.46 -11.07
C SER B 64 26.16 -6.09 -12.16
N MET B 65 25.44 -6.52 -13.20
CA MET B 65 26.03 -7.21 -14.29
C MET B 65 26.77 -6.21 -15.16
N GLY B 66 26.26 -5.00 -15.22
CA GLY B 66 26.86 -4.01 -16.08
C GLY B 66 27.56 -2.87 -15.39
N ILE B 67 27.33 -2.66 -14.09
CA ILE B 67 28.01 -1.57 -13.42
C ILE B 67 28.78 -1.96 -12.19
N ALA B 68 28.33 -2.93 -11.44
CA ALA B 68 28.91 -2.99 -10.12
C ALA B 68 29.76 -4.17 -10.04
N ARG B 69 29.52 -5.10 -10.93
CA ARG B 69 30.29 -6.29 -10.84
C ARG B 69 31.62 -5.95 -11.47
N PRO B 70 31.60 -5.09 -12.51
CA PRO B 70 32.75 -4.47 -13.05
C PRO B 70 33.55 -3.71 -12.11
N VAL B 71 32.90 -3.02 -11.17
CA VAL B 71 33.62 -2.11 -10.32
C VAL B 71 34.30 -2.86 -9.20
N ILE B 72 33.62 -3.89 -8.70
CA ILE B 72 34.13 -4.85 -7.73
C ILE B 72 35.37 -5.62 -8.19
N GLU B 73 35.62 -5.64 -9.49
CA GLU B 73 36.79 -6.33 -9.94
C GLU B 73 38.04 -5.49 -9.67
N ALA B 74 37.90 -4.18 -9.82
CA ALA B 74 38.95 -3.24 -9.49
C ALA B 74 39.04 -3.06 -7.97
N TYR B 75 37.89 -2.81 -7.38
CA TYR B 75 37.75 -2.47 -5.97
C TYR B 75 36.85 -3.50 -5.27
N PRO B 76 37.41 -4.62 -4.78
CA PRO B 76 36.62 -5.78 -4.35
C PRO B 76 35.61 -5.53 -3.24
N TRP B 77 35.78 -4.41 -2.54
CA TRP B 77 35.05 -4.13 -1.33
C TRP B 77 33.91 -3.21 -1.68
N ALA B 78 33.67 -3.04 -2.97
CA ALA B 78 32.86 -1.92 -3.43
C ALA B 78 31.45 -2.38 -3.55
N TRP B 79 31.20 -3.65 -3.24
CA TRP B 79 29.83 -4.11 -3.18
C TRP B 79 29.09 -3.39 -2.07
N ILE B 80 29.84 -2.86 -1.12
CA ILE B 80 29.26 -2.15 0.01
C ILE B 80 28.65 -0.88 -0.46
N TYR B 81 29.26 -0.28 -1.48
CA TYR B 81 28.74 0.94 -2.05
C TYR B 81 27.41 0.67 -2.77
N PHE B 82 27.41 -0.44 -3.50
CA PHE B 82 26.32 -0.74 -4.33
C PHE B 82 25.20 -1.34 -3.52
N VAL B 83 25.52 -2.24 -2.60
CA VAL B 83 24.44 -2.89 -1.83
C VAL B 83 23.88 -1.93 -0.78
N SER B 84 24.73 -1.09 -0.21
CA SER B 84 24.25 -0.11 0.73
C SER B 84 23.27 0.88 0.07
N PHE B 85 23.52 1.23 -1.19
CA PHE B 85 22.71 2.20 -1.90
C PHE B 85 21.38 1.61 -2.29
N ILE B 86 21.41 0.39 -2.81
CA ILE B 86 20.16 -0.21 -3.21
C ILE B 86 19.30 -0.25 -1.95
N LEU B 87 19.89 -0.70 -0.83
CA LEU B 87 19.16 -0.84 0.42
C LEU B 87 18.62 0.50 0.92
N VAL B 88 19.51 1.46 1.02
CA VAL B 88 19.16 2.72 1.60
C VAL B 88 18.25 3.52 0.68
N SER B 89 18.47 3.47 -0.63
CA SER B 89 17.64 4.24 -1.57
C SER B 89 16.28 3.60 -1.78
N SER B 90 16.20 2.27 -1.73
CA SER B 90 14.91 1.61 -1.91
C SER B 90 14.04 1.92 -0.73
N PHE B 91 14.62 1.82 0.48
CA PHE B 91 13.86 2.07 1.69
C PHE B 91 13.26 3.45 1.64
N THR B 92 14.03 4.42 1.13
CA THR B 92 13.52 5.77 1.00
C THR B 92 12.46 5.95 -0.08
N VAL B 93 12.70 5.35 -1.25
CA VAL B 93 11.77 5.47 -2.36
C VAL B 93 10.48 4.86 -1.90
N LEU B 94 10.62 3.88 -1.02
CA LEU B 94 9.48 3.10 -0.54
C LEU B 94 8.57 4.07 0.14
N ASN B 95 9.17 4.90 0.97
CA ASN B 95 8.36 5.72 1.82
C ASN B 95 7.56 6.80 1.11
N LEU B 96 8.17 7.51 0.18
CA LEU B 96 7.41 8.44 -0.60
C LEU B 96 6.16 7.75 -1.10
N PHE B 97 6.33 6.51 -1.56
CA PHE B 97 5.22 5.72 -2.07
C PHE B 97 4.23 5.54 -0.93
N ILE B 98 4.70 5.16 0.25
CA ILE B 98 3.86 5.10 1.45
C ILE B 98 3.36 6.50 1.80
N GLY B 99 4.30 7.40 2.10
CA GLY B 99 3.99 8.74 2.54
C GLY B 99 3.00 9.37 1.60
N ILE B 100 2.99 8.92 0.36
CA ILE B 100 2.00 9.43 -0.56
C ILE B 100 0.72 8.58 -0.52
N ILE B 101 0.82 7.29 -0.20
CA ILE B 101 -0.39 6.44 -0.16
C ILE B 101 -1.21 7.01 0.94
N ILE B 102 -0.60 7.04 2.11
CA ILE B 102 -1.19 7.53 3.33
C ILE B 102 -1.90 8.89 3.11
N GLU B 103 -1.12 9.95 2.87
CA GLU B 103 -1.66 11.26 2.73
C GLU B 103 -2.72 11.32 1.66
N SER B 104 -2.77 10.31 0.82
CA SER B 104 -3.85 10.26 -0.14
C SER B 104 -5.11 9.72 0.51
N MET B 105 -4.96 8.67 1.32
CA MET B 105 -6.07 8.06 2.02
C MET B 105 -6.74 9.15 2.82
N GLN B 106 -5.88 9.82 3.58
CA GLN B 106 -6.25 10.95 4.34
C GLN B 106 -7.16 11.94 3.63
N SER B 107 -6.89 12.28 2.38
CA SER B 107 -7.73 13.27 1.76
C SER B 107 -9.07 12.69 1.30
N ALA B 108 -9.04 11.43 0.88
CA ALA B 108 -10.23 10.75 0.47
C ALA B 108 -11.13 10.50 1.64
N HIS B 109 -10.56 10.26 2.82
CA HIS B 109 -11.34 9.72 3.92
C HIS B 109 -11.12 10.32 5.29
N TRP B 110 -9.91 10.11 5.81
CA TRP B 110 -9.64 10.33 7.21
C TRP B 110 -10.00 11.78 7.57
N GLU B 111 -9.58 12.71 6.72
CA GLU B 111 -9.87 14.13 6.89
C GLU B 111 -11.32 14.33 7.32
N ALA B 112 -12.27 13.76 6.58
CA ALA B 112 -13.68 13.99 6.94
C ALA B 112 -14.26 12.99 7.97
N GLU B 113 -13.76 11.76 7.94
CA GLU B 113 -14.14 10.81 8.97
C GLU B 113 -13.94 11.42 10.36
N ASP B 114 -12.80 12.03 10.66
CA ASP B 114 -12.61 12.50 12.05
C ASP B 114 -13.52 13.65 12.28
N ALA B 115 -13.68 14.45 11.26
CA ALA B 115 -14.51 15.61 11.34
C ALA B 115 -15.95 15.21 11.59
N LYS B 116 -16.53 14.37 10.72
CA LYS B 116 -17.94 13.91 10.91
C LYS B 116 -18.12 13.37 12.31
N ARG B 117 -17.15 12.70 12.89
CA ARG B 117 -17.42 12.13 14.18
C ARG B 117 -17.07 12.95 15.36
N ILE B 118 -16.15 13.85 15.23
CA ILE B 118 -16.05 14.97 16.16
C ILE B 118 -17.43 15.59 16.24
N GLU B 119 -18.01 15.89 15.09
CA GLU B 119 -19.26 16.61 15.07
C GLU B 119 -20.43 15.75 15.58
N GLN B 120 -20.60 14.54 15.05
CA GLN B 120 -21.63 13.69 15.63
C GLN B 120 -21.61 13.65 17.16
N GLU B 121 -20.44 13.67 17.78
CA GLU B 121 -20.39 13.64 19.21
C GLU B 121 -20.71 14.93 19.92
N GLN B 122 -20.39 16.06 19.32
CA GLN B 122 -21.08 17.29 19.74
C GLN B 122 -22.57 17.09 19.79
N ARG B 123 -23.20 16.67 18.71
CA ARG B 123 -24.66 16.48 18.83
C ARG B 123 -24.93 15.59 20.02
N ALA B 124 -24.36 14.39 20.02
CA ALA B 124 -24.67 13.43 21.08
C ALA B 124 -24.56 14.15 22.37
N HIS B 125 -23.44 14.82 22.58
CA HIS B 125 -23.16 15.41 23.86
C HIS B 125 -24.19 16.50 24.22
N ASP B 126 -24.49 17.35 23.28
CA ASP B 126 -25.51 18.32 23.52
C ASP B 126 -26.86 17.67 23.89
N GLU B 127 -27.31 16.64 23.18
CA GLU B 127 -28.55 16.00 23.60
C GLU B 127 -28.43 15.53 25.03
N ARG B 128 -27.32 14.87 25.32
CA ARG B 128 -27.10 14.27 26.60
C ARG B 128 -27.03 15.37 27.65
N LEU B 129 -26.48 16.51 27.27
CA LEU B 129 -26.49 17.70 28.12
C LEU B 129 -27.87 18.20 28.50
N GLU B 130 -28.76 18.30 27.51
CA GLU B 130 -30.11 18.73 27.74
C GLU B 130 -30.72 17.80 28.73
N MET B 131 -30.62 16.50 28.50
CA MET B 131 -31.28 15.58 29.40
C MET B 131 -30.78 15.90 30.76
N LEU B 132 -29.48 16.09 30.90
CA LEU B 132 -28.91 16.33 32.22
C LEU B 132 -29.63 17.44 32.96
N GLN B 133 -29.89 18.59 32.30
CA GLN B 133 -30.65 19.73 32.91
C GLN B 133 -32.02 19.30 33.31
N LEU B 134 -32.79 18.77 32.35
CA LEU B 134 -34.20 18.45 32.64
C LEU B 134 -34.26 17.64 33.91
N ILE B 135 -33.36 16.68 34.07
CA ILE B 135 -33.32 15.83 35.23
C ILE B 135 -32.95 16.64 36.43
N ARG B 136 -32.14 17.67 36.22
CA ARG B 136 -31.79 18.57 37.32
C ARG B 136 -33.01 19.40 37.76
N ASP B 137 -33.66 20.09 36.83
CA ASP B 137 -34.91 20.83 37.10
C ASP B 137 -35.93 19.92 37.75
N LEU B 138 -36.20 18.79 37.12
CA LEU B 138 -37.08 17.82 37.68
C LEU B 138 -36.56 17.35 39.00
N SER B 139 -35.24 17.14 39.10
CA SER B 139 -34.72 16.59 40.36
C SER B 139 -35.18 17.47 41.49
N SER B 140 -34.99 18.76 41.28
CA SER B 140 -35.25 19.69 42.30
C SER B 140 -36.69 20.24 42.39
N LYS B 141 -37.51 20.10 41.37
CA LYS B 141 -38.96 20.14 41.66
C LYS B 141 -39.30 19.17 42.75
N VAL B 142 -38.83 17.95 42.63
CA VAL B 142 -39.26 16.90 43.52
C VAL B 142 -38.67 17.28 44.85
N ASP B 143 -37.47 17.86 44.83
CA ASP B 143 -36.83 18.39 46.04
C ASP B 143 -37.82 19.22 46.85
N ARG B 144 -38.37 20.26 46.22
CA ARG B 144 -39.36 21.10 46.83
C ARG B 144 -40.54 20.35 47.33
N LEU B 145 -41.20 19.66 46.43
CA LEU B 145 -42.48 19.09 46.70
C LEU B 145 -42.38 18.30 48.01
N GLU B 146 -41.36 17.45 48.11
CA GLU B 146 -41.10 16.73 49.33
C GLU B 146 -40.89 17.64 50.54
N ARG B 147 -40.22 18.77 50.38
CA ARG B 147 -40.09 19.66 51.55
C ARG B 147 -41.38 20.21 52.15
N ARG B 148 -42.34 20.70 51.35
CA ARG B 148 -43.77 20.78 51.81
C ARG B 148 -44.54 19.54 52.36
N SER B 149 -44.63 18.48 51.55
CA SER B 149 -45.33 17.21 51.91
C SER B 149 -46.39 17.24 53.00
N PRO C 12 -13.84 11.88 -14.45
CA PRO C 12 -14.55 10.66 -14.00
C PRO C 12 -13.64 9.59 -13.32
N GLY C 13 -12.75 10.01 -12.40
CA GLY C 13 -11.79 9.09 -11.70
C GLY C 13 -10.57 8.70 -12.53
N ILE C 14 -10.17 7.41 -12.48
CA ILE C 14 -8.84 6.99 -12.96
C ILE C 14 -8.47 7.11 -14.45
N ALA C 15 -9.34 6.75 -15.40
CA ALA C 15 -8.89 6.87 -16.80
C ALA C 15 -8.77 8.36 -17.15
N TRP C 16 -9.13 9.23 -16.19
CA TRP C 16 -8.62 10.60 -16.22
C TRP C 16 -7.10 10.73 -16.24
N ILE C 17 -6.41 10.08 -15.29
CA ILE C 17 -4.94 9.98 -15.33
C ILE C 17 -4.43 8.97 -16.37
N ALA C 18 -5.04 7.80 -16.41
CA ALA C 18 -4.67 6.78 -17.37
C ALA C 18 -4.78 7.24 -18.84
N LEU C 19 -5.43 8.37 -19.05
CA LEU C 19 -5.26 9.06 -20.31
C LEU C 19 -4.05 9.99 -20.35
N LEU C 20 -3.81 10.77 -19.30
CA LEU C 20 -2.59 11.62 -19.22
C LEU C 20 -1.37 10.74 -19.56
N LEU C 21 -1.41 9.52 -19.05
CA LEU C 21 -0.41 8.54 -19.35
C LEU C 21 -0.35 8.38 -20.84
N LEU C 22 -1.50 8.17 -21.48
CA LEU C 22 -1.53 7.89 -22.92
C LEU C 22 -1.05 9.04 -23.82
N VAL C 23 -0.90 10.24 -23.25
CA VAL C 23 -0.54 11.41 -24.03
C VAL C 23 0.88 11.82 -23.66
N ILE C 24 1.32 11.45 -22.47
CA ILE C 24 2.69 11.65 -22.06
C ILE C 24 3.52 10.70 -22.92
N PHE C 25 2.94 9.55 -23.19
CA PHE C 25 3.51 8.59 -24.10
C PHE C 25 3.52 9.17 -25.49
N TYR C 26 2.37 9.67 -25.96
CA TYR C 26 2.26 10.09 -27.35
C TYR C 26 3.25 11.24 -27.66
N VAL C 27 3.37 12.18 -26.73
CA VAL C 27 4.32 13.28 -26.88
C VAL C 27 5.79 12.84 -26.89
N PHE C 28 6.20 12.09 -25.87
CA PHE C 28 7.59 11.69 -25.71
C PHE C 28 7.98 10.77 -26.90
N ALA C 29 6.96 10.22 -27.54
CA ALA C 29 7.17 9.33 -28.68
C ALA C 29 7.33 10.06 -29.99
N VAL C 30 6.70 11.21 -30.12
CA VAL C 30 6.92 12.03 -31.29
C VAL C 30 8.24 12.78 -31.13
N MET C 31 8.41 13.42 -29.97
CA MET C 31 9.66 14.11 -29.62
C MET C 31 10.81 13.13 -29.89
N GLY C 32 10.62 11.86 -29.54
CA GLY C 32 11.62 10.82 -29.71
C GLY C 32 12.06 10.59 -31.14
N THR C 33 11.07 10.44 -32.00
CA THR C 33 11.34 10.17 -33.39
C THR C 33 11.91 11.35 -34.10
N LYS C 34 11.42 12.54 -33.79
CA LYS C 34 11.94 13.73 -34.44
C LYS C 34 13.40 13.81 -34.07
N LEU C 35 13.67 13.81 -32.79
CA LEU C 35 15.04 13.86 -32.30
C LEU C 35 15.95 12.71 -32.73
N PHE C 36 15.54 11.47 -32.52
CA PHE C 36 16.50 10.39 -32.61
C PHE C 36 16.36 9.45 -33.79
N ALA C 37 15.50 9.77 -34.73
CA ALA C 37 15.09 8.75 -35.69
C ALA C 37 16.22 8.33 -36.61
N GLN C 38 17.29 9.10 -36.61
CA GLN C 38 18.14 9.13 -37.76
C GLN C 38 19.41 8.45 -37.44
N SER C 39 19.75 8.47 -36.17
CA SER C 39 20.94 7.81 -35.73
C SER C 39 20.53 6.50 -35.10
N PHE C 40 19.28 6.44 -34.67
CA PHE C 40 18.78 5.30 -33.95
C PHE C 40 17.48 4.86 -34.55
N PRO C 41 17.57 4.27 -35.74
CA PRO C 41 16.45 3.96 -36.60
C PRO C 41 15.65 2.83 -36.06
N GLU C 42 16.34 1.89 -35.43
CA GLU C 42 15.70 0.63 -34.98
C GLU C 42 14.83 1.01 -33.83
N TRP C 43 15.36 1.87 -32.98
CA TRP C 43 14.72 2.17 -31.74
C TRP C 43 13.70 3.24 -31.89
N PHE C 44 14.03 4.30 -32.62
CA PHE C 44 13.13 5.43 -32.70
C PHE C 44 12.79 5.76 -34.15
N GLY C 45 12.85 4.78 -35.03
CA GLY C 45 12.90 5.18 -36.42
C GLY C 45 11.60 5.70 -36.97
N THR C 46 10.51 5.45 -36.28
CA THR C 46 9.22 5.62 -36.85
C THR C 46 8.46 5.78 -35.56
N LEU C 47 7.25 6.32 -35.59
CA LEU C 47 6.57 6.62 -34.32
C LEU C 47 6.30 5.35 -33.58
N GLY C 48 5.79 4.36 -34.31
CA GLY C 48 5.51 3.09 -33.69
C GLY C 48 6.73 2.43 -33.03
N ALA C 49 7.90 2.64 -33.65
CA ALA C 49 9.13 2.01 -33.21
C ALA C 49 9.61 2.62 -31.93
N SER C 50 9.23 3.88 -31.73
CA SER C 50 9.54 4.64 -30.53
C SER C 50 8.57 4.39 -29.40
N MET C 51 7.37 4.00 -29.74
CA MET C 51 6.50 3.66 -28.67
C MET C 51 6.99 2.39 -28.03
N TYR C 52 7.47 1.47 -28.88
CA TYR C 52 7.76 0.17 -28.36
C TYR C 52 8.97 0.43 -27.54
N THR C 53 9.84 1.31 -28.01
CA THR C 53 11.02 1.62 -27.26
C THR C 53 10.71 2.26 -25.92
N LEU C 54 9.74 3.14 -25.87
CA LEU C 54 9.47 3.73 -24.57
C LEU C 54 8.65 2.81 -23.75
N PHE C 55 8.02 1.83 -24.38
CA PHE C 55 7.28 0.93 -23.54
C PHE C 55 8.34 0.17 -22.80
N GLN C 56 9.34 -0.26 -23.54
CA GLN C 56 10.57 -0.82 -23.03
C GLN C 56 11.17 -0.02 -21.95
N VAL C 57 11.35 1.28 -22.20
CA VAL C 57 11.98 2.17 -21.22
C VAL C 57 11.13 2.31 -19.99
N MET C 58 9.83 2.42 -20.19
CA MET C 58 8.94 2.67 -19.09
C MET C 58 9.01 1.53 -18.11
N THR C 59 9.14 0.30 -18.61
CA THR C 59 9.23 -0.89 -17.74
C THR C 59 10.65 -1.05 -17.18
N LEU C 60 11.51 -0.05 -17.43
CA LEU C 60 12.83 -0.08 -16.85
C LEU C 60 13.69 -1.26 -17.33
N GLU C 61 13.43 -1.65 -18.57
CA GLU C 61 14.01 -2.87 -19.10
C GLU C 61 15.18 -2.41 -19.92
N SER C 62 16.33 -2.53 -19.30
CA SER C 62 17.55 -2.34 -20.01
C SER C 62 17.63 -0.87 -20.52
N TRP C 63 17.11 0.10 -19.77
CA TRP C 63 16.76 1.37 -20.43
C TRP C 63 17.98 2.14 -20.60
N SER C 64 18.98 1.80 -19.83
CA SER C 64 20.10 2.68 -19.81
C SER C 64 21.26 2.04 -20.44
N MET C 65 21.52 0.77 -20.15
CA MET C 65 22.72 0.20 -20.70
C MET C 65 22.35 0.02 -22.12
N GLY C 66 21.10 -0.39 -22.34
CA GLY C 66 20.63 -0.82 -23.64
C GLY C 66 20.32 0.31 -24.60
N ILE C 67 19.58 1.31 -24.13
CA ILE C 67 19.14 2.42 -24.99
C ILE C 67 19.88 3.67 -24.56
N ALA C 68 19.55 4.21 -23.40
CA ALA C 68 19.84 5.62 -23.15
C ALA C 68 21.32 5.91 -23.29
N ARG C 69 22.22 5.06 -22.78
CA ARG C 69 23.61 5.47 -22.70
C ARG C 69 24.19 5.54 -24.07
N PRO C 70 23.83 4.60 -24.98
CA PRO C 70 24.09 4.72 -26.40
C PRO C 70 23.56 5.93 -27.09
N VAL C 71 22.38 6.39 -26.72
CA VAL C 71 21.82 7.63 -27.26
C VAL C 71 22.56 8.83 -26.68
N ILE C 72 22.85 8.78 -25.38
CA ILE C 72 23.68 9.77 -24.65
C ILE C 72 25.09 9.89 -25.23
N GLU C 73 25.54 8.88 -25.95
CA GLU C 73 26.83 8.91 -26.62
C GLU C 73 26.80 9.86 -27.81
N ALA C 74 25.69 9.81 -28.53
CA ALA C 74 25.45 10.61 -29.71
C ALA C 74 24.95 12.02 -29.36
N TYR C 75 24.12 12.16 -28.35
CA TYR C 75 23.50 13.45 -28.03
C TYR C 75 23.70 13.55 -26.58
N PRO C 76 24.69 14.36 -26.18
CA PRO C 76 25.13 14.17 -24.82
C PRO C 76 24.13 14.67 -23.81
N TRP C 77 23.17 15.44 -24.30
CA TRP C 77 22.07 15.94 -23.49
C TRP C 77 20.88 15.00 -23.30
N ALA C 78 20.92 13.84 -23.93
CA ALA C 78 19.69 13.07 -24.17
C ALA C 78 19.13 12.55 -22.86
N TRP C 79 19.95 12.61 -21.83
CA TRP C 79 19.58 11.98 -20.60
C TRP C 79 18.40 12.69 -20.05
N ILE C 80 18.21 13.95 -20.41
CA ILE C 80 17.09 14.68 -19.91
C ILE C 80 15.86 14.01 -20.40
N TYR C 81 15.94 13.54 -21.64
CA TYR C 81 14.79 13.00 -22.30
C TYR C 81 14.45 11.69 -21.63
N PHE C 82 15.48 10.95 -21.26
CA PHE C 82 15.25 9.66 -20.66
C PHE C 82 14.92 9.72 -19.19
N VAL C 83 15.64 10.52 -18.45
CA VAL C 83 15.40 10.64 -17.03
C VAL C 83 14.06 11.27 -16.80
N SER C 84 13.74 12.31 -17.54
CA SER C 84 12.44 12.88 -17.39
C SER C 84 11.29 11.97 -17.83
N PHE C 85 11.47 11.14 -18.84
CA PHE C 85 10.37 10.26 -19.20
C PHE C 85 10.07 9.32 -18.08
N ILE C 86 11.13 8.83 -17.42
CA ILE C 86 10.96 7.90 -16.31
C ILE C 86 10.26 8.54 -15.12
N LEU C 87 10.63 9.78 -14.81
CA LEU C 87 10.00 10.49 -13.70
C LEU C 87 8.53 10.71 -13.98
N VAL C 88 8.22 11.20 -15.15
CA VAL C 88 6.85 11.45 -15.50
C VAL C 88 6.03 10.18 -15.60
N SER C 89 6.54 9.14 -16.23
CA SER C 89 5.70 7.97 -16.44
C SER C 89 5.60 7.13 -15.15
N SER C 90 6.68 7.03 -14.39
CA SER C 90 6.61 6.31 -13.14
C SER C 90 5.54 6.93 -12.23
N PHE C 91 5.61 8.26 -12.05
CA PHE C 91 4.63 9.02 -11.26
C PHE C 91 3.22 8.85 -11.71
N THR C 92 2.96 9.19 -12.97
CA THR C 92 1.63 9.01 -13.50
C THR C 92 1.15 7.60 -13.24
N VAL C 93 2.05 6.62 -13.25
CA VAL C 93 1.63 5.25 -12.98
C VAL C 93 1.37 5.10 -11.50
N LEU C 94 2.15 5.81 -10.69
CA LEU C 94 1.94 5.80 -9.25
C LEU C 94 0.49 6.18 -8.93
N ASN C 95 0.06 7.32 -9.47
CA ASN C 95 -1.27 7.86 -9.27
C ASN C 95 -2.32 6.93 -9.78
N LEU C 96 -2.15 6.39 -10.97
CA LEU C 96 -3.13 5.47 -11.46
C LEU C 96 -3.28 4.39 -10.41
N PHE C 97 -2.18 4.09 -9.71
CA PHE C 97 -2.18 3.00 -8.75
C PHE C 97 -2.90 3.42 -7.48
N ILE C 98 -2.54 4.58 -6.91
CA ILE C 98 -3.16 5.07 -5.66
C ILE C 98 -4.64 5.15 -5.90
N GLY C 99 -4.97 5.88 -6.93
CA GLY C 99 -6.34 5.98 -7.38
C GLY C 99 -7.06 4.68 -7.26
N ILE C 100 -6.40 3.60 -7.65
CA ILE C 100 -7.02 2.29 -7.58
C ILE C 100 -6.92 1.69 -6.19
N ILE C 101 -5.82 1.95 -5.46
CA ILE C 101 -5.69 1.38 -4.10
C ILE C 101 -6.73 1.98 -3.20
N ILE C 102 -6.93 3.28 -3.36
CA ILE C 102 -7.87 4.10 -2.59
C ILE C 102 -9.32 3.77 -2.89
N GLU C 103 -9.73 3.83 -4.14
CA GLU C 103 -11.07 3.45 -4.50
C GLU C 103 -11.25 1.96 -4.15
N SER C 104 -10.15 1.28 -3.94
CA SER C 104 -10.27 -0.10 -3.53
C SER C 104 -10.63 -0.19 -2.07
N MET C 105 -10.05 0.68 -1.25
CA MET C 105 -10.37 0.70 0.19
C MET C 105 -11.81 1.10 0.38
N GLN C 106 -12.22 2.16 -0.30
CA GLN C 106 -13.60 2.59 -0.24
C GLN C 106 -14.57 1.42 -0.33
N SER C 107 -14.57 0.73 -1.45
CA SER C 107 -15.54 -0.31 -1.60
C SER C 107 -15.34 -1.43 -0.56
N ALA C 108 -14.11 -1.68 -0.16
CA ALA C 108 -13.85 -2.71 0.84
C ALA C 108 -14.53 -2.36 2.14
N HIS C 109 -14.24 -1.19 2.67
CA HIS C 109 -14.42 -0.95 4.08
C HIS C 109 -15.04 0.41 4.34
N TRP C 110 -14.48 1.50 3.83
CA TRP C 110 -15.03 2.81 4.14
C TRP C 110 -16.45 2.98 3.65
N GLU C 111 -16.86 2.17 2.70
CA GLU C 111 -18.23 2.26 2.24
C GLU C 111 -19.15 2.12 3.42
N ALA C 112 -19.10 0.94 4.01
CA ALA C 112 -19.92 0.58 5.13
C ALA C 112 -19.51 1.24 6.43
N GLU C 113 -18.24 1.28 6.79
CA GLU C 113 -17.99 1.73 8.14
C GLU C 113 -18.63 3.12 8.14
N ASP C 114 -18.47 3.89 7.07
CA ASP C 114 -19.13 5.19 7.09
C ASP C 114 -20.62 5.02 7.37
N ALA C 115 -21.28 4.28 6.51
CA ALA C 115 -22.74 4.07 6.59
C ALA C 115 -23.29 3.36 7.83
N LYS C 116 -22.65 2.27 8.26
CA LYS C 116 -23.10 1.51 9.44
C LYS C 116 -23.11 2.47 10.61
N ARG C 117 -22.18 3.41 10.63
CA ARG C 117 -22.08 4.37 11.68
C ARG C 117 -23.20 5.40 11.64
N ILE C 118 -23.49 5.99 10.53
CA ILE C 118 -24.63 6.90 10.45
C ILE C 118 -25.78 6.16 11.09
N GLU C 119 -25.96 4.91 10.67
CA GLU C 119 -26.99 4.09 11.25
C GLU C 119 -26.87 4.00 12.78
N GLN C 120 -25.73 3.56 13.30
CA GLN C 120 -25.59 3.31 14.73
C GLN C 120 -26.03 4.56 15.49
N GLU C 121 -25.57 5.68 15.02
CA GLU C 121 -25.83 6.88 15.72
C GLU C 121 -27.18 7.56 15.38
N GLN C 122 -27.90 7.13 14.36
CA GLN C 122 -29.35 7.34 14.37
C GLN C 122 -29.99 6.62 15.51
N ARG C 123 -29.61 5.37 15.71
CA ARG C 123 -30.31 4.57 16.71
C ARG C 123 -30.11 5.28 18.01
N ALA C 124 -28.85 5.50 18.39
CA ALA C 124 -28.51 6.24 19.58
C ALA C 124 -29.32 7.50 19.71
N HIS C 125 -29.34 8.33 18.68
CA HIS C 125 -30.10 9.59 18.71
C HIS C 125 -31.55 9.35 19.01
N ASP C 126 -32.14 8.35 18.39
CA ASP C 126 -33.52 8.07 18.66
C ASP C 126 -33.75 7.75 20.13
N GLU C 127 -32.95 6.85 20.71
CA GLU C 127 -33.14 6.49 22.10
C GLU C 127 -33.03 7.69 23.01
N ARG C 128 -32.14 8.60 22.69
CA ARG C 128 -31.90 9.70 23.56
C ARG C 128 -33.05 10.65 23.42
N LEU C 129 -33.64 10.68 22.24
CA LEU C 129 -34.85 11.43 22.06
C LEU C 129 -35.96 10.75 22.85
N GLU C 130 -35.98 9.43 22.81
CA GLU C 130 -37.07 8.73 23.47
C GLU C 130 -37.15 9.22 24.87
N MET C 131 -36.03 9.28 25.55
CA MET C 131 -36.15 9.58 26.91
C MET C 131 -36.15 11.07 27.19
N LEU C 132 -35.71 11.90 26.26
CA LEU C 132 -36.06 13.32 26.44
C LEU C 132 -37.54 13.41 26.66
N GLN C 133 -38.27 12.64 25.88
CA GLN C 133 -39.69 12.52 26.10
C GLN C 133 -40.17 12.14 27.48
N LEU C 134 -39.82 10.95 27.95
CA LEU C 134 -40.38 10.53 29.24
C LEU C 134 -40.08 11.62 30.21
N ILE C 135 -38.84 12.11 30.19
CA ILE C 135 -38.36 13.03 31.20
C ILE C 135 -39.15 14.31 31.12
N ARG C 136 -39.56 14.65 29.90
CA ARG C 136 -40.36 15.84 29.76
C ARG C 136 -41.75 15.63 30.30
N ASP C 137 -42.27 14.43 30.13
CA ASP C 137 -43.55 14.02 30.64
C ASP C 137 -43.62 13.86 32.13
N LEU C 138 -42.53 13.38 32.71
CA LEU C 138 -42.43 13.18 34.12
C LEU C 138 -42.31 14.53 34.75
N SER C 139 -41.68 15.45 34.05
CA SER C 139 -41.64 16.81 34.52
C SER C 139 -43.04 17.44 34.51
N SER C 140 -43.94 16.90 33.71
CA SER C 140 -45.32 17.37 33.73
C SER C 140 -46.06 16.83 34.91
N LYS C 141 -45.95 15.53 35.10
CA LYS C 141 -46.64 14.90 36.19
C LYS C 141 -46.22 15.56 37.50
N VAL C 142 -44.94 15.89 37.63
CA VAL C 142 -44.43 16.39 38.88
C VAL C 142 -44.87 17.80 38.92
N ASP C 143 -45.02 18.40 37.75
CA ASP C 143 -45.54 19.77 37.68
C ASP C 143 -46.98 19.91 38.07
N ARG C 144 -47.75 18.86 37.82
CA ARG C 144 -49.10 18.78 38.31
C ARG C 144 -49.18 18.53 39.78
N LEU C 145 -48.46 17.54 40.31
CA LEU C 145 -48.41 17.34 41.74
C LEU C 145 -48.17 18.63 42.47
N GLU C 146 -47.45 19.56 41.85
CA GLU C 146 -47.09 20.78 42.54
C GLU C 146 -48.20 21.77 42.61
N ARG C 147 -48.83 22.02 41.47
CA ARG C 147 -50.02 22.87 41.45
C ARG C 147 -51.21 22.21 42.15
N ARG C 148 -51.46 20.92 41.88
CA ARG C 148 -52.57 20.20 42.53
C ARG C 148 -52.31 20.34 44.03
N SER C 149 -51.03 20.55 44.39
CA SER C 149 -50.50 20.55 45.77
C SER C 149 -51.09 19.50 46.70
N PRO D 12 -12.75 -17.57 -2.43
CA PRO D 12 -11.90 -17.40 -1.25
C PRO D 12 -11.02 -16.13 -1.36
N GLY D 13 -11.39 -15.23 -2.25
CA GLY D 13 -10.89 -13.84 -2.22
C GLY D 13 -9.94 -13.37 -3.33
N ILE D 14 -8.67 -13.13 -2.98
CA ILE D 14 -7.60 -12.84 -3.95
C ILE D 14 -7.30 -14.05 -4.81
N ALA D 15 -7.18 -15.19 -4.15
CA ALA D 15 -6.91 -16.45 -4.78
C ALA D 15 -7.93 -16.74 -5.90
N TRP D 16 -8.93 -15.88 -6.03
CA TRP D 16 -9.67 -15.82 -7.27
C TRP D 16 -8.80 -15.38 -8.44
N ILE D 17 -8.11 -14.25 -8.35
CA ILE D 17 -7.19 -13.83 -9.44
C ILE D 17 -5.94 -14.68 -9.53
N ALA D 18 -5.31 -14.95 -8.40
CA ALA D 18 -4.22 -15.89 -8.39
C ALA D 18 -4.51 -17.05 -9.37
N LEU D 19 -5.72 -17.59 -9.32
CA LEU D 19 -6.14 -18.58 -10.32
C LEU D 19 -6.18 -17.98 -11.72
N LEU D 20 -6.63 -16.72 -11.83
CA LEU D 20 -6.77 -16.12 -13.14
C LEU D 20 -5.38 -15.92 -13.75
N LEU D 21 -4.48 -15.34 -12.95
CA LEU D 21 -3.13 -15.00 -13.40
C LEU D 21 -2.57 -16.27 -14.04
N LEU D 22 -2.51 -17.33 -13.24
CA LEU D 22 -2.21 -18.65 -13.74
C LEU D 22 -2.88 -19.06 -15.05
N VAL D 23 -4.07 -18.57 -15.31
CA VAL D 23 -4.74 -18.98 -16.54
C VAL D 23 -4.18 -18.17 -17.70
N ILE D 24 -3.97 -16.89 -17.46
CA ILE D 24 -3.42 -16.02 -18.47
C ILE D 24 -2.01 -16.54 -18.79
N PHE D 25 -1.32 -16.96 -17.75
CA PHE D 25 0.03 -17.33 -17.93
C PHE D 25 0.02 -18.51 -18.87
N TYR D 26 -0.70 -19.54 -18.49
CA TYR D 26 -0.71 -20.73 -19.30
C TYR D 26 -1.27 -20.49 -20.74
N VAL D 27 -2.33 -19.71 -20.90
CA VAL D 27 -2.82 -19.44 -22.24
C VAL D 27 -1.74 -18.82 -23.17
N PHE D 28 -0.91 -17.94 -22.63
CA PHE D 28 0.18 -17.34 -23.38
C PHE D 28 1.31 -18.34 -23.59
N ALA D 29 1.57 -19.20 -22.62
CA ALA D 29 2.67 -20.15 -22.79
C ALA D 29 2.30 -21.08 -23.94
N VAL D 30 1.01 -21.37 -24.06
CA VAL D 30 0.55 -22.09 -25.23
C VAL D 30 0.41 -21.22 -26.44
N MET D 31 -0.22 -20.05 -26.33
CA MET D 31 -0.31 -19.21 -27.53
C MET D 31 1.14 -19.02 -28.12
N GLY D 32 2.15 -19.15 -27.25
CA GLY D 32 3.51 -18.76 -27.60
C GLY D 32 4.27 -19.94 -28.16
N THR D 33 4.15 -21.11 -27.56
CA THR D 33 4.77 -22.28 -28.15
C THR D 33 4.21 -22.61 -29.52
N LYS D 34 2.96 -22.26 -29.77
CA LYS D 34 2.42 -22.48 -31.10
C LYS D 34 2.99 -21.50 -32.11
N LEU D 35 3.13 -20.22 -31.75
CA LEU D 35 3.64 -19.24 -32.73
C LEU D 35 5.16 -19.26 -32.97
N PHE D 36 5.93 -19.45 -31.91
CA PHE D 36 7.34 -19.11 -31.95
C PHE D 36 8.29 -20.26 -31.84
N ALA D 37 7.78 -21.47 -31.69
CA ALA D 37 8.68 -22.52 -31.22
C ALA D 37 9.47 -23.05 -32.38
N GLN D 38 8.93 -22.80 -33.57
CA GLN D 38 9.63 -23.22 -34.75
C GLN D 38 10.95 -22.51 -34.86
N SER D 39 10.90 -21.21 -34.72
CA SER D 39 12.02 -20.36 -35.11
C SER D 39 12.89 -20.01 -33.89
N PHE D 40 12.29 -20.07 -32.71
CA PHE D 40 12.96 -19.71 -31.45
C PHE D 40 12.83 -20.78 -30.42
N PRO D 41 13.35 -22.00 -30.70
CA PRO D 41 13.17 -23.14 -29.84
C PRO D 41 13.71 -23.00 -28.41
N GLU D 42 14.77 -22.25 -28.17
CA GLU D 42 15.32 -22.28 -26.82
C GLU D 42 14.32 -21.53 -25.92
N TRP D 43 13.75 -20.48 -26.46
CA TRP D 43 12.81 -19.71 -25.71
C TRP D 43 11.46 -20.34 -25.68
N PHE D 44 10.94 -20.86 -26.81
CA PHE D 44 9.52 -21.28 -26.91
C PHE D 44 9.32 -22.69 -27.38
N GLY D 45 10.38 -23.48 -27.40
CA GLY D 45 10.28 -24.79 -28.07
C GLY D 45 9.27 -25.80 -27.54
N THR D 46 9.21 -25.93 -26.24
CA THR D 46 8.33 -26.89 -25.63
C THR D 46 7.37 -26.02 -24.77
N LEU D 47 6.36 -26.57 -24.16
CA LEU D 47 5.56 -25.69 -23.30
C LEU D 47 6.33 -25.20 -22.10
N GLY D 48 7.05 -26.09 -21.44
CA GLY D 48 7.80 -25.70 -20.23
C GLY D 48 8.80 -24.63 -20.57
N ALA D 49 9.30 -24.73 -21.79
CA ALA D 49 10.29 -23.81 -22.27
C ALA D 49 9.76 -22.40 -22.27
N SER D 50 8.50 -22.25 -22.71
CA SER D 50 7.87 -20.96 -22.90
C SER D 50 7.48 -20.45 -21.56
N MET D 51 7.22 -21.37 -20.65
CA MET D 51 6.71 -20.94 -19.39
C MET D 51 7.82 -20.23 -18.73
N TYR D 52 9.01 -20.85 -18.75
CA TYR D 52 10.13 -20.31 -18.02
C TYR D 52 10.45 -18.94 -18.60
N THR D 53 10.46 -18.84 -19.93
CA THR D 53 10.66 -17.59 -20.64
C THR D 53 9.55 -16.59 -20.37
N LEU D 54 8.32 -17.03 -20.09
CA LEU D 54 7.25 -16.07 -19.77
C LEU D 54 7.26 -15.69 -18.36
N PHE D 55 7.92 -16.47 -17.54
CA PHE D 55 8.15 -16.05 -16.19
C PHE D 55 9.18 -14.95 -16.25
N GLN D 56 10.12 -15.08 -17.17
CA GLN D 56 11.24 -14.19 -17.21
C GLN D 56 10.77 -12.88 -17.74
N VAL D 57 9.82 -12.95 -18.70
CA VAL D 57 9.17 -11.78 -19.27
C VAL D 57 8.29 -11.13 -18.24
N MET D 58 7.69 -11.91 -17.36
CA MET D 58 6.83 -11.32 -16.33
C MET D 58 7.61 -10.49 -15.31
N THR D 59 8.73 -11.04 -14.85
CA THR D 59 9.68 -10.32 -13.99
C THR D 59 10.34 -9.18 -14.75
N LEU D 60 9.97 -9.05 -16.03
CA LEU D 60 10.32 -7.89 -16.82
C LEU D 60 11.80 -7.86 -17.18
N GLU D 61 12.41 -9.04 -17.18
CA GLU D 61 13.85 -9.11 -17.14
C GLU D 61 14.36 -9.36 -18.53
N SER D 62 15.04 -8.40 -19.13
CA SER D 62 15.48 -8.61 -20.49
C SER D 62 14.32 -8.96 -21.43
N TRP D 63 13.14 -8.42 -21.18
CA TRP D 63 11.99 -8.89 -21.92
C TRP D 63 12.06 -8.44 -23.37
N SER D 64 12.74 -7.33 -23.62
CA SER D 64 12.75 -6.70 -24.91
C SER D 64 14.09 -6.88 -25.63
N MET D 65 15.15 -6.40 -24.99
CA MET D 65 16.46 -6.40 -25.63
C MET D 65 16.82 -7.84 -25.74
N GLY D 66 16.35 -8.67 -24.79
CA GLY D 66 16.71 -10.08 -24.71
C GLY D 66 15.87 -11.01 -25.58
N ILE D 67 14.55 -10.95 -25.42
CA ILE D 67 13.64 -11.93 -25.97
C ILE D 67 12.77 -11.31 -27.03
N ALA D 68 12.11 -10.22 -26.70
CA ALA D 68 11.03 -9.70 -27.57
C ALA D 68 11.59 -9.19 -28.85
N ARG D 69 12.59 -8.32 -28.80
CA ARG D 69 13.08 -7.67 -30.00
C ARG D 69 13.47 -8.69 -31.11
N PRO D 70 14.43 -9.60 -30.81
CA PRO D 70 14.80 -10.70 -31.68
C PRO D 70 13.67 -11.56 -32.23
N VAL D 71 12.63 -11.75 -31.44
CA VAL D 71 11.44 -12.45 -31.94
C VAL D 71 10.58 -11.58 -32.90
N ILE D 72 10.71 -10.26 -32.79
CA ILE D 72 9.87 -9.31 -33.50
C ILE D 72 10.52 -9.08 -34.82
N GLU D 73 11.73 -9.56 -34.95
CA GLU D 73 12.38 -9.33 -36.21
C GLU D 73 12.29 -10.55 -37.09
N ALA D 74 11.68 -11.61 -36.60
CA ALA D 74 11.23 -12.66 -37.44
C ALA D 74 9.78 -12.34 -37.70
N TYR D 75 9.09 -11.97 -36.63
CA TYR D 75 7.67 -11.89 -36.62
C TYR D 75 7.25 -10.52 -36.19
N PRO D 76 7.26 -9.59 -37.15
CA PRO D 76 7.22 -8.19 -36.88
C PRO D 76 6.05 -7.85 -35.99
N TRP D 77 4.95 -8.59 -36.19
CA TRP D 77 3.70 -8.37 -35.46
C TRP D 77 3.73 -8.83 -34.00
N ALA D 78 4.86 -9.33 -33.53
CA ALA D 78 4.89 -10.13 -32.33
C ALA D 78 4.97 -9.25 -31.13
N TRP D 79 5.05 -7.96 -31.33
CA TRP D 79 5.07 -7.09 -30.20
C TRP D 79 3.73 -7.16 -29.50
N ILE D 80 2.65 -7.48 -30.23
CA ILE D 80 1.33 -7.52 -29.66
C ILE D 80 1.35 -8.50 -28.55
N TYR D 81 2.09 -9.59 -28.79
CA TYR D 81 2.20 -10.69 -27.87
C TYR D 81 2.88 -10.20 -26.60
N PHE D 82 4.05 -9.59 -26.72
CA PHE D 82 4.82 -9.30 -25.52
C PHE D 82 4.26 -8.10 -24.81
N VAL D 83 3.79 -7.10 -25.55
CA VAL D 83 3.17 -5.94 -24.94
C VAL D 83 1.84 -6.32 -24.27
N SER D 84 1.05 -7.14 -24.94
CA SER D 84 -0.22 -7.47 -24.36
C SER D 84 0.04 -8.33 -23.11
N PHE D 85 1.08 -9.14 -23.11
CA PHE D 85 1.23 -10.07 -22.03
C PHE D 85 1.69 -9.32 -20.81
N ILE D 86 2.60 -8.38 -21.00
CA ILE D 86 3.05 -7.57 -19.90
C ILE D 86 1.90 -6.75 -19.41
N LEU D 87 1.14 -6.11 -20.30
CA LEU D 87 0.08 -5.23 -19.83
C LEU D 87 -0.92 -5.94 -18.99
N VAL D 88 -1.38 -7.04 -19.54
CA VAL D 88 -2.40 -7.82 -18.89
C VAL D 88 -1.87 -8.46 -17.64
N SER D 89 -0.64 -8.97 -17.66
CA SER D 89 -0.17 -9.69 -16.48
C SER D 89 0.27 -8.72 -15.38
N SER D 90 0.67 -7.51 -15.76
CA SER D 90 0.94 -6.50 -14.76
C SER D 90 -0.34 -6.03 -14.12
N PHE D 91 -1.36 -5.75 -14.91
CA PHE D 91 -2.65 -5.43 -14.31
C PHE D 91 -3.13 -6.47 -13.31
N THR D 92 -3.01 -7.72 -13.68
CA THR D 92 -3.37 -8.78 -12.81
C THR D 92 -2.50 -8.87 -11.58
N VAL D 93 -1.20 -8.61 -11.70
CA VAL D 93 -0.35 -8.69 -10.51
C VAL D 93 -0.56 -7.44 -9.69
N LEU D 94 -0.98 -6.37 -10.35
CA LEU D 94 -1.21 -5.14 -9.65
C LEU D 94 -2.30 -5.42 -8.66
N ASN D 95 -3.40 -6.00 -9.15
CA ASN D 95 -4.57 -6.27 -8.33
C ASN D 95 -4.35 -7.30 -7.28
N LEU D 96 -3.63 -8.36 -7.60
CA LEU D 96 -3.33 -9.35 -6.59
C LEU D 96 -2.62 -8.66 -5.45
N PHE D 97 -1.90 -7.61 -5.79
CA PHE D 97 -1.10 -6.94 -4.80
C PHE D 97 -2.05 -6.14 -3.91
N ILE D 98 -2.95 -5.37 -4.52
CA ILE D 98 -3.89 -4.51 -3.80
C ILE D 98 -4.72 -5.42 -2.93
N GLY D 99 -5.38 -6.39 -3.56
CA GLY D 99 -6.19 -7.33 -2.85
C GLY D 99 -5.47 -7.83 -1.60
N ILE D 100 -4.17 -8.02 -1.67
CA ILE D 100 -3.48 -8.47 -0.47
C ILE D 100 -3.29 -7.34 0.52
N ILE D 101 -2.98 -6.14 0.07
CA ILE D 101 -3.03 -5.03 1.03
C ILE D 101 -4.38 -4.86 1.72
N ILE D 102 -5.48 -4.69 0.96
CA ILE D 102 -6.83 -4.65 1.52
C ILE D 102 -6.96 -5.78 2.55
N GLU D 103 -6.88 -7.01 2.09
CA GLU D 103 -7.03 -8.16 2.95
C GLU D 103 -6.10 -8.11 4.15
N SER D 104 -4.88 -7.66 3.94
CA SER D 104 -3.95 -7.55 5.04
C SER D 104 -4.46 -6.54 6.08
N MET D 105 -4.82 -5.36 5.63
CA MET D 105 -5.32 -4.35 6.55
C MET D 105 -6.77 -4.59 7.05
N GLN D 106 -7.52 -5.46 6.39
CA GLN D 106 -8.78 -5.93 6.99
C GLN D 106 -8.52 -6.71 8.23
N SER D 107 -7.30 -7.17 8.42
CA SER D 107 -7.03 -7.97 9.56
C SER D 107 -6.41 -7.12 10.65
N ALA D 108 -5.42 -6.33 10.25
CA ALA D 108 -4.64 -5.55 11.19
C ALA D 108 -5.58 -4.72 12.03
N HIS D 109 -6.56 -4.14 11.36
CA HIS D 109 -7.31 -3.10 11.94
C HIS D 109 -8.77 -3.35 11.80
N TRP D 110 -9.24 -3.40 10.56
CA TRP D 110 -10.65 -3.15 10.32
C TRP D 110 -11.50 -4.19 11.01
N GLU D 111 -11.02 -5.43 11.09
CA GLU D 111 -11.87 -6.45 11.63
C GLU D 111 -12.05 -6.23 13.09
N ALA D 112 -10.89 -5.98 13.72
CA ALA D 112 -10.79 -5.67 15.13
C ALA D 112 -11.51 -4.37 15.53
N GLU D 113 -11.35 -3.29 14.76
CA GLU D 113 -12.11 -2.04 14.95
C GLU D 113 -13.62 -2.21 14.97
N ASP D 114 -14.20 -2.83 13.95
CA ASP D 114 -15.67 -3.07 13.91
C ASP D 114 -16.15 -3.94 15.06
N ALA D 115 -15.22 -4.58 15.75
CA ALA D 115 -15.59 -5.49 16.80
C ALA D 115 -15.74 -4.70 18.06
N LYS D 116 -15.11 -3.54 18.09
CA LYS D 116 -15.14 -2.75 19.29
C LYS D 116 -16.22 -1.74 19.10
N ARG D 117 -16.35 -1.20 17.93
CA ARG D 117 -17.30 -0.18 17.69
C ARG D 117 -18.65 -0.73 18.00
N ILE D 118 -18.86 -1.95 17.65
CA ILE D 118 -20.14 -2.66 17.86
C ILE D 118 -20.38 -3.00 19.34
N GLU D 119 -19.47 -3.78 19.89
CA GLU D 119 -19.56 -4.20 21.26
C GLU D 119 -19.60 -2.98 22.18
N GLN D 120 -18.77 -1.99 21.91
CA GLN D 120 -18.82 -0.76 22.71
C GLN D 120 -20.06 0.14 22.45
N GLU D 121 -20.94 -0.28 21.58
CA GLU D 121 -22.17 0.42 21.46
C GLU D 121 -23.31 -0.49 21.89
N GLN D 122 -23.11 -1.79 21.85
CA GLN D 122 -23.92 -2.64 22.73
C GLN D 122 -23.90 -2.05 24.12
N ARG D 123 -22.72 -1.68 24.59
CA ARG D 123 -22.60 -1.21 25.93
C ARG D 123 -23.37 0.04 26.12
N ALA D 124 -23.21 0.97 25.20
CA ALA D 124 -23.86 2.25 25.37
C ALA D 124 -25.36 2.13 25.23
N HIS D 125 -25.82 1.17 24.44
CA HIS D 125 -27.23 1.00 24.18
C HIS D 125 -27.83 0.48 25.42
N ASP D 126 -27.14 -0.48 26.03
CA ASP D 126 -27.65 -1.17 27.19
C ASP D 126 -27.78 -0.17 28.27
N GLU D 127 -26.77 0.68 28.38
CA GLU D 127 -26.77 1.72 29.38
C GLU D 127 -27.97 2.64 29.27
N ARG D 128 -28.35 2.98 28.05
CA ARG D 128 -29.47 3.85 27.78
C ARG D 128 -30.82 3.17 28.04
N LEU D 129 -30.78 1.85 28.02
CA LEU D 129 -31.99 1.06 28.13
C LEU D 129 -32.33 0.96 29.58
N GLU D 130 -31.31 1.06 30.40
CA GLU D 130 -31.45 0.92 31.81
C GLU D 130 -31.97 2.23 32.35
N MET D 131 -31.54 3.29 31.73
CA MET D 131 -32.01 4.56 32.09
C MET D 131 -33.39 4.79 31.55
N LEU D 132 -33.81 4.02 30.56
CA LEU D 132 -35.16 4.13 30.06
C LEU D 132 -36.06 3.50 31.06
N GLN D 133 -35.61 2.41 31.68
CA GLN D 133 -36.53 1.70 32.53
C GLN D 133 -36.66 2.49 33.78
N LEU D 134 -35.54 3.07 34.20
CA LEU D 134 -35.58 3.74 35.44
C LEU D 134 -36.56 4.86 35.30
N ILE D 135 -36.51 5.60 34.20
CA ILE D 135 -37.40 6.72 34.04
C ILE D 135 -38.82 6.22 33.93
N ARG D 136 -38.98 5.01 33.48
CA ARG D 136 -40.30 4.53 33.30
C ARG D 136 -40.82 4.08 34.61
N ASP D 137 -40.05 3.33 35.38
CA ASP D 137 -40.49 2.94 36.71
C ASP D 137 -40.81 4.15 37.54
N LEU D 138 -39.92 5.12 37.54
CA LEU D 138 -40.13 6.36 38.24
C LEU D 138 -41.42 7.01 37.78
N SER D 139 -41.70 6.95 36.49
CA SER D 139 -42.73 7.78 35.89
C SER D 139 -44.07 7.32 36.36
N SER D 140 -44.09 6.16 36.99
CA SER D 140 -45.33 5.52 37.33
C SER D 140 -45.53 5.49 38.84
N LYS D 141 -44.47 5.76 39.60
CA LYS D 141 -44.65 5.99 41.03
C LYS D 141 -45.13 7.38 41.14
N VAL D 142 -44.59 8.25 40.29
CA VAL D 142 -44.93 9.64 40.37
C VAL D 142 -46.35 9.78 40.00
N ASP D 143 -46.95 8.73 39.46
CA ASP D 143 -48.36 8.90 39.20
C ASP D 143 -49.24 7.90 39.87
N ARG D 144 -48.65 7.09 40.73
CA ARG D 144 -49.46 6.52 41.78
C ARG D 144 -49.49 7.43 43.01
N LEU D 145 -48.58 8.38 43.14
CA LEU D 145 -48.80 9.54 44.02
C LEU D 145 -49.96 10.34 43.49
N GLU D 146 -50.00 10.58 42.19
CA GLU D 146 -51.04 11.41 41.62
C GLU D 146 -52.40 10.81 41.86
N ARG D 147 -52.43 9.51 42.15
CA ARG D 147 -53.70 8.85 42.43
C ARG D 147 -53.92 8.49 43.88
N ARG D 148 -52.85 8.15 44.59
CA ARG D 148 -53.00 7.77 45.98
C ARG D 148 -52.96 9.08 46.75
N SER D 149 -53.27 10.15 46.00
CA SER D 149 -53.62 11.47 46.52
C SER D 149 -54.38 12.23 45.45
#